data_4ZU6
#
_entry.id   4ZU6
#
_cell.length_a   112.634
_cell.length_b   112.634
_cell.length_c   43.490
_cell.angle_alpha   90.00
_cell.angle_beta   90.00
_cell.angle_gamma   90.00
#
_symmetry.space_group_name_H-M   'I 41'
#
loop_
_entity.id
_entity.type
_entity.pdbx_description
1 polymer 'Cysteine synthase'
2 polymer 'C-terminal peptide from Serine acetyltransferase'
3 non-polymer O-ACETYLSERINE
4 non-polymer "PYRIDOXAL-5'-PHOSPHATE"
5 water water
#
loop_
_entity_poly.entity_id
_entity_poly.type
_entity_poly.pdbx_seq_one_letter_code
_entity_poly.pdbx_strand_id
1 'polypeptide(L)'
;HHHHHHSSGLVPRGSHMAIYADNSYSIGNTPLVRLKHFGHNGNVVVKIEGRNPSYSVKCRIGANMVWQAEKDGTLTKGKE
IVDATSGNTGIALAYVAAARGYKITLTMPETMSLERKRLLCGLGVNLVLTEGAKGMKGAIAKAEEIVASDPSRYVMLKQF
ENPANPQIHRETTGPEIWKDTDGKVDVVVAGVGTGGSITGISRAIKLDFGKQITSVAVEPVESPVISQTLAGEEVKPGPH
KIQGIGAGFIPKNLDLSIIDRVETVDSDTALATARRLMAEEGILAGISSGAAVAAADRLAKLPEFADKLIVVILPSASER
YLSTALFEGIEG
;
X
2 'polypeptide(L)' HHTFEYGDGI B
#
# COMPACT_ATOMS: atom_id res chain seq x y z
N MET A 17 -23.21 -10.71 17.05
CA MET A 17 -21.90 -11.15 17.51
C MET A 17 -20.83 -10.81 16.49
N ALA A 18 -19.57 -11.02 16.87
CA ALA A 18 -18.41 -10.70 16.07
C ALA A 18 -18.18 -11.73 14.95
N ILE A 19 -19.20 -11.94 14.13
CA ILE A 19 -19.11 -12.78 12.95
C ILE A 19 -19.33 -11.90 11.72
N TYR A 20 -18.35 -11.84 10.83
CA TYR A 20 -18.45 -10.99 9.64
C TYR A 20 -19.31 -11.63 8.54
N ALA A 21 -20.11 -10.81 7.86
CA ALA A 21 -21.10 -11.30 6.89
C ALA A 21 -20.44 -11.83 5.60
N ASP A 22 -19.27 -11.30 5.27
CA ASP A 22 -18.41 -11.87 4.24
C ASP A 22 -16.97 -11.45 4.54
N ASN A 23 -16.01 -11.92 3.75
CA ASN A 23 -14.60 -11.72 4.11
C ASN A 23 -14.18 -10.25 3.99
N SER A 24 -14.89 -9.44 3.20
CA SER A 24 -14.54 -8.04 3.05
C SER A 24 -14.67 -7.27 4.37
N TYR A 25 -15.59 -7.69 5.24
CA TYR A 25 -15.83 -6.93 6.47
C TYR A 25 -14.79 -7.20 7.56
N SER A 26 -13.94 -8.20 7.34
CA SER A 26 -12.94 -8.59 8.35
C SER A 26 -11.61 -7.84 8.20
N ILE A 27 -11.59 -6.82 7.34
CA ILE A 27 -10.38 -6.05 7.12
C ILE A 27 -9.84 -5.40 8.42
N GLY A 28 -8.53 -5.26 8.49
CA GLY A 28 -7.95 -4.39 9.50
C GLY A 28 -7.72 -5.02 10.86
N ASN A 29 -7.68 -4.15 11.87
CA ASN A 29 -7.31 -4.54 13.22
C ASN A 29 -6.01 -5.34 13.25
N THR A 30 -5.02 -4.84 12.51
CA THR A 30 -3.70 -5.45 12.42
C THR A 30 -2.85 -5.06 13.64
N PRO A 31 -1.92 -5.93 14.04
CA PRO A 31 -1.19 -5.68 15.30
C PRO A 31 0.05 -4.81 15.15
N LEU A 32 0.44 -4.17 16.25
CA LEU A 32 1.72 -3.47 16.34
C LEU A 32 2.74 -4.34 17.05
N VAL A 33 3.92 -4.49 16.46
CA VAL A 33 4.99 -5.26 17.09
C VAL A 33 6.26 -4.42 17.21
N ARG A 34 6.85 -4.43 18.40
CA ARG A 34 8.07 -3.65 18.65
C ARG A 34 9.27 -4.39 18.05
N LEU A 35 10.16 -3.65 17.38
CA LEU A 35 11.37 -4.25 16.79
C LEU A 35 12.50 -4.28 17.82
N LYS A 36 13.30 -5.33 17.80
CA LYS A 36 14.37 -5.46 18.78
C LYS A 36 15.73 -5.12 18.19
N HIS A 37 15.89 -5.31 16.88
CA HIS A 37 17.19 -5.11 16.25
C HIS A 37 17.21 -3.91 15.32
N PHE A 38 16.18 -3.08 15.40
CA PHE A 38 16.12 -1.84 14.65
C PHE A 38 15.78 -0.74 15.64
N GLY A 39 16.04 0.50 15.23
CA GLY A 39 15.72 1.64 16.08
C GLY A 39 16.58 1.72 17.33
N HIS A 40 16.11 2.51 18.28
CA HIS A 40 16.85 2.78 19.51
C HIS A 40 15.97 2.51 20.71
N ASN A 41 16.24 1.42 21.41
CA ASN A 41 15.48 1.02 22.59
C ASN A 41 13.97 1.00 22.37
N GLY A 42 13.56 0.33 21.30
CA GLY A 42 12.15 0.04 21.05
C GLY A 42 11.31 1.18 20.51
N ASN A 43 11.96 2.22 19.99
CA ASN A 43 11.19 3.35 19.49
C ASN A 43 10.62 3.06 18.09
N VAL A 44 10.96 1.90 17.53
CA VAL A 44 10.37 1.52 16.23
C VAL A 44 9.39 0.34 16.36
N VAL A 45 8.16 0.62 15.97
CA VAL A 45 7.10 -0.36 16.05
C VAL A 45 6.51 -0.50 14.68
N VAL A 46 6.17 -1.74 14.29
CA VAL A 46 5.69 -2.01 12.94
C VAL A 46 4.23 -2.47 12.95
N LYS A 47 3.48 -2.03 11.95
CA LYS A 47 2.08 -2.43 11.81
C LYS A 47 1.99 -3.48 10.70
N ILE A 48 1.62 -4.70 11.08
CA ILE A 48 1.72 -5.82 10.16
C ILE A 48 0.44 -5.98 9.32
N GLU A 49 0.43 -5.31 8.17
CA GLU A 49 -0.75 -5.31 7.28
C GLU A 49 -0.86 -6.60 6.48
N GLY A 50 0.15 -7.47 6.62
CA GLY A 50 0.08 -8.81 6.04
C GLY A 50 -0.98 -9.65 6.72
N ARG A 51 -1.35 -9.27 7.94
CA ARG A 51 -2.43 -9.95 8.67
C ARG A 51 -3.80 -9.39 8.28
N ASN A 52 -4.20 -9.69 7.05
CA ASN A 52 -5.41 -9.16 6.46
C ASN A 52 -6.02 -10.22 5.55
N PRO A 53 -7.31 -10.10 5.20
CA PRO A 53 -7.76 -10.99 4.13
C PRO A 53 -6.96 -10.63 2.88
N SER A 54 -6.57 -11.64 2.09
CA SER A 54 -5.73 -11.44 0.92
C SER A 54 -4.34 -10.92 1.31
N TYR A 55 -4.13 -10.75 2.61
CA TYR A 55 -2.79 -10.66 3.20
C TYR A 55 -1.94 -9.47 2.69
N SER A 56 -2.59 -8.33 2.48
CA SER A 56 -1.87 -7.07 2.32
C SER A 56 -2.75 -5.93 2.79
N VAL A 57 -2.15 -4.77 2.95
CA VAL A 57 -2.85 -3.54 3.32
C VAL A 57 -3.97 -3.18 2.33
N LYS A 58 -3.83 -3.66 1.10
CA LYS A 58 -4.76 -3.28 0.03
C LYS A 58 -6.15 -3.88 0.19
N CYS A 59 -6.28 -4.89 1.04
CA CYS A 59 -7.61 -5.47 1.31
C CYS A 59 -8.57 -4.39 1.80
N ARG A 60 -8.03 -3.42 2.53
CA ARG A 60 -8.81 -2.31 3.09
C ARG A 60 -9.46 -1.47 1.99
N ILE A 61 -8.71 -1.14 0.95
CA ILE A 61 -9.26 -0.30 -0.13
C ILE A 61 -9.99 -1.14 -1.17
N GLY A 62 -9.64 -2.43 -1.27
CA GLY A 62 -10.37 -3.34 -2.13
C GLY A 62 -11.80 -3.37 -1.62
N ALA A 63 -11.94 -3.47 -0.30
CA ALA A 63 -13.24 -3.50 0.33
C ALA A 63 -13.96 -2.16 0.16
N ASN A 64 -13.30 -1.07 0.55
CA ASN A 64 -14.01 0.21 0.61
C ASN A 64 -14.32 0.79 -0.76
N MET A 65 -13.47 0.54 -1.74
CA MET A 65 -13.75 1.02 -3.10
C MET A 65 -14.99 0.34 -3.62
N VAL A 66 -15.11 -0.96 -3.35
CA VAL A 66 -16.30 -1.69 -3.74
C VAL A 66 -17.52 -1.21 -2.95
N TRP A 67 -17.41 -1.15 -1.64
CA TRP A 67 -18.51 -0.65 -0.80
C TRP A 67 -18.97 0.75 -1.24
N GLN A 68 -18.03 1.65 -1.52
CA GLN A 68 -18.39 3.01 -1.92
C GLN A 68 -19.10 3.06 -3.26
N ALA A 69 -18.60 2.29 -4.22
CA ALA A 69 -19.18 2.25 -5.56
C ALA A 69 -20.59 1.69 -5.49
N GLU A 70 -20.80 0.74 -4.60
CA GLU A 70 -22.12 0.16 -4.34
C GLU A 70 -23.06 1.23 -3.80
N LYS A 71 -22.54 2.06 -2.89
CA LYS A 71 -23.40 3.02 -2.22
C LYS A 71 -23.70 4.26 -3.07
N ASP A 72 -22.84 4.59 -4.02
CA ASP A 72 -23.24 5.66 -4.92
C ASP A 72 -23.81 5.09 -6.21
N GLY A 73 -24.03 3.78 -6.23
CA GLY A 73 -24.73 3.15 -7.33
C GLY A 73 -23.92 2.95 -8.60
N THR A 74 -22.62 3.23 -8.58
CA THR A 74 -21.83 2.99 -9.78
C THR A 74 -21.56 1.48 -9.93
N LEU A 75 -21.57 0.75 -8.81
CA LEU A 75 -21.42 -0.69 -8.88
C LEU A 75 -22.74 -1.37 -8.51
N THR A 76 -23.28 -2.10 -9.48
CA THR A 76 -24.51 -2.85 -9.29
C THR A 76 -24.29 -4.27 -9.77
N LYS A 77 -25.19 -5.17 -9.39
CA LYS A 77 -25.18 -6.54 -9.91
C LYS A 77 -25.17 -6.51 -11.44
N GLY A 78 -24.31 -7.31 -12.06
CA GLY A 78 -24.22 -7.32 -13.51
C GLY A 78 -23.14 -6.42 -14.08
N LYS A 79 -22.76 -5.39 -13.34
CA LYS A 79 -21.64 -4.53 -13.74
C LYS A 79 -20.32 -5.22 -13.41
N GLU A 80 -19.34 -5.06 -14.29
CA GLU A 80 -18.06 -5.74 -14.13
C GLU A 80 -16.96 -4.78 -13.71
N ILE A 81 -16.16 -5.19 -12.73
CA ILE A 81 -15.10 -4.36 -12.19
C ILE A 81 -13.89 -4.30 -13.12
N VAL A 82 -13.23 -3.15 -13.15
CA VAL A 82 -11.92 -3.00 -13.80
C VAL A 82 -11.01 -2.15 -12.89
N ASP A 83 -9.71 -2.45 -12.89
CA ASP A 83 -8.73 -1.46 -12.41
C ASP A 83 -7.36 -1.92 -12.89
N ALA A 84 -6.34 -1.12 -12.58
CA ALA A 84 -4.95 -1.42 -12.87
C ALA A 84 -4.21 -1.62 -11.57
N THR A 85 -3.41 -2.68 -11.47
CA THR A 85 -2.73 -2.94 -10.22
C THR A 85 -1.28 -3.43 -10.36
N SER A 86 -0.44 -3.13 -9.36
CA SER A 86 0.85 -3.80 -9.24
C SER A 86 0.72 -5.11 -8.40
N GLY A 87 -0.51 -5.56 -8.24
CA GLY A 87 -0.70 -6.86 -7.64
C GLY A 87 -1.62 -6.89 -6.45
N ASN A 88 -1.24 -6.20 -5.36
CA ASN A 88 -1.94 -6.42 -4.11
C ASN A 88 -3.36 -5.89 -4.19
N THR A 89 -3.53 -4.73 -4.83
CA THR A 89 -4.85 -4.15 -5.01
C THR A 89 -5.69 -5.09 -5.86
N GLY A 90 -5.07 -5.65 -6.90
CA GLY A 90 -5.68 -6.69 -7.71
C GLY A 90 -6.16 -7.89 -6.90
N ILE A 91 -5.28 -8.45 -6.07
CA ILE A 91 -5.69 -9.57 -5.22
C ILE A 91 -6.79 -9.14 -4.25
N ALA A 92 -6.69 -7.92 -3.73
CA ALA A 92 -7.71 -7.39 -2.82
C ALA A 92 -9.09 -7.26 -3.48
N LEU A 93 -9.12 -6.67 -4.67
CA LEU A 93 -10.38 -6.49 -5.38
C LEU A 93 -10.97 -7.83 -5.77
N ALA A 94 -10.08 -8.75 -6.12
CA ALA A 94 -10.50 -10.10 -6.49
C ALA A 94 -11.17 -10.85 -5.33
N TYR A 95 -10.62 -10.77 -4.11
CA TYR A 95 -11.27 -11.51 -3.03
C TYR A 95 -12.63 -10.84 -2.73
N VAL A 96 -12.68 -9.51 -2.81
CA VAL A 96 -13.93 -8.80 -2.56
C VAL A 96 -14.97 -9.10 -3.65
N ALA A 97 -14.55 -9.06 -4.91
CA ALA A 97 -15.44 -9.42 -6.02
C ALA A 97 -16.02 -10.83 -5.82
N ALA A 98 -15.15 -11.78 -5.46
CA ALA A 98 -15.58 -13.16 -5.20
C ALA A 98 -16.54 -13.20 -4.01
N ALA A 99 -16.17 -12.53 -2.93
CA ALA A 99 -17.01 -12.51 -1.72
C ALA A 99 -18.37 -11.85 -1.95
N ARG A 100 -18.43 -10.82 -2.78
CA ARG A 100 -19.64 -10.03 -2.91
C ARG A 100 -20.41 -10.32 -4.21
N GLY A 101 -19.83 -11.14 -5.09
CA GLY A 101 -20.51 -11.59 -6.29
C GLY A 101 -20.39 -10.71 -7.52
N TYR A 102 -19.19 -10.22 -7.81
CA TYR A 102 -18.95 -9.42 -9.01
C TYR A 102 -17.98 -10.14 -9.94
N LYS A 103 -18.15 -9.93 -11.23
CA LYS A 103 -17.14 -10.31 -12.22
C LYS A 103 -16.05 -9.25 -12.18
N ILE A 104 -14.84 -9.61 -12.61
CA ILE A 104 -13.75 -8.64 -12.54
C ILE A 104 -12.62 -8.91 -13.54
N THR A 105 -12.17 -7.83 -14.18
CA THR A 105 -11.01 -7.84 -15.06
C THR A 105 -9.96 -6.88 -14.50
N LEU A 106 -8.68 -7.25 -14.59
CA LEU A 106 -7.61 -6.44 -14.03
C LEU A 106 -6.42 -6.32 -14.96
N THR A 107 -5.70 -5.20 -14.88
CA THR A 107 -4.46 -5.04 -15.65
C THR A 107 -3.25 -4.96 -14.73
N MET A 108 -2.13 -5.51 -15.20
CA MET A 108 -0.93 -5.57 -14.40
C MET A 108 0.35 -5.63 -15.24
N PRO A 109 1.45 -5.05 -14.77
CA PRO A 109 2.76 -5.16 -15.44
C PRO A 109 3.28 -6.59 -15.44
N GLU A 110 3.79 -7.04 -16.59
CA GLU A 110 4.28 -8.41 -16.75
C GLU A 110 5.27 -8.84 -15.66
N THR A 111 5.99 -7.85 -15.12
CA THR A 111 7.15 -8.07 -14.25
C THR A 111 6.81 -8.31 -12.78
N MET A 112 5.53 -8.29 -12.44
CA MET A 112 5.13 -8.49 -11.04
C MET A 112 5.25 -9.97 -10.67
N SER A 113 5.44 -10.25 -9.39
CA SER A 113 5.78 -11.60 -8.95
C SER A 113 4.74 -12.64 -9.37
N LEU A 114 5.21 -13.87 -9.59
CA LEU A 114 4.36 -14.96 -10.07
C LEU A 114 3.21 -15.27 -9.10
N GLU A 115 3.52 -15.15 -7.81
CA GLU A 115 2.52 -15.35 -6.75
C GLU A 115 1.27 -14.49 -7.00
N ARG A 116 1.48 -13.20 -7.28
CA ARG A 116 0.37 -12.29 -7.61
C ARG A 116 -0.44 -12.83 -8.79
N LYS A 117 0.26 -13.21 -9.86
CA LYS A 117 -0.38 -13.78 -11.04
C LYS A 117 -1.12 -15.06 -10.70
N ARG A 118 -0.47 -15.89 -9.88
CA ARG A 118 -0.98 -17.22 -9.56
C ARG A 118 -2.37 -17.22 -8.91
N LEU A 119 -2.53 -16.47 -7.83
CA LEU A 119 -3.79 -16.53 -7.09
C LEU A 119 -4.89 -15.63 -7.68
N LEU A 120 -4.50 -14.62 -8.47
CA LEU A 120 -5.48 -13.79 -9.17
C LEU A 120 -6.35 -14.68 -10.05
N CYS A 121 -5.71 -15.63 -10.72
CA CYS A 121 -6.44 -16.58 -11.55
C CYS A 121 -7.30 -17.52 -10.69
N GLY A 122 -6.76 -17.96 -9.55
CA GLY A 122 -7.50 -18.81 -8.64
C GLY A 122 -8.72 -18.12 -8.05
N LEU A 123 -8.63 -16.81 -7.89
CA LEU A 123 -9.75 -16.04 -7.36
C LEU A 123 -10.79 -15.78 -8.44
N GLY A 124 -10.48 -16.18 -9.67
CA GLY A 124 -11.45 -16.14 -10.75
C GLY A 124 -11.49 -14.84 -11.55
N VAL A 125 -10.34 -14.18 -11.65
CA VAL A 125 -10.24 -12.93 -12.38
C VAL A 125 -10.03 -13.18 -13.88
N ASN A 126 -10.67 -12.36 -14.71
CA ASN A 126 -10.28 -12.26 -16.11
C ASN A 126 -9.05 -11.39 -16.18
N LEU A 127 -7.87 -12.00 -16.27
CA LEU A 127 -6.65 -11.24 -16.10
C LEU A 127 -6.10 -10.71 -17.43
N VAL A 128 -5.48 -9.53 -17.38
CA VAL A 128 -4.93 -8.86 -18.57
C VAL A 128 -3.63 -8.12 -18.22
N LEU A 129 -2.49 -8.59 -18.72
CA LEU A 129 -1.23 -7.99 -18.30
C LEU A 129 -0.52 -7.19 -19.40
N THR A 130 0.22 -6.16 -18.97
CA THR A 130 0.76 -5.16 -19.89
C THR A 130 2.31 -5.15 -19.89
N GLU A 131 2.90 -4.38 -20.80
CA GLU A 131 4.35 -4.20 -20.93
C GLU A 131 5.02 -3.77 -19.63
N GLY A 132 5.97 -4.58 -19.17
CA GLY A 132 6.71 -4.34 -17.95
C GLY A 132 7.50 -3.05 -18.01
N ALA A 133 8.06 -2.76 -19.18
CA ALA A 133 8.78 -1.52 -19.42
C ALA A 133 7.93 -0.27 -19.16
N LYS A 134 6.62 -0.37 -19.41
CA LYS A 134 5.72 0.77 -19.23
C LYS A 134 5.15 0.89 -17.81
N GLY A 135 5.46 -0.08 -16.95
CA GLY A 135 4.99 -0.05 -15.57
C GLY A 135 3.51 -0.42 -15.38
N GLY A 138 1.59 2.30 -18.02
CA GLY A 138 1.35 1.13 -18.85
C GLY A 138 0.14 0.36 -18.38
N ALA A 139 0.16 -0.04 -17.10
CA ALA A 139 -0.97 -0.76 -16.53
C ALA A 139 -2.22 0.12 -16.57
N ILE A 140 -2.05 1.38 -16.21
CA ILE A 140 -3.14 2.35 -16.14
C ILE A 140 -3.75 2.62 -17.51
N ALA A 141 -2.90 2.63 -18.53
CA ALA A 141 -3.32 2.93 -19.90
C ALA A 141 -4.43 2.00 -20.40
N LYS A 142 -4.06 0.81 -20.84
CA LYS A 142 -5.05 -0.19 -21.24
C LYS A 142 -5.67 -0.77 -19.99
N ALA A 143 -7.00 -0.64 -19.92
CA ALA A 143 -7.83 -0.71 -18.71
C ALA A 143 -8.90 0.34 -18.93
N GLU A 144 -8.42 1.57 -19.09
CA GLU A 144 -9.23 2.69 -19.57
C GLU A 144 -9.67 2.39 -21.00
N GLU A 145 -8.73 1.89 -21.79
CA GLU A 145 -9.01 1.49 -23.15
C GLU A 145 -10.01 0.33 -23.19
N ILE A 146 -10.17 -0.33 -22.05
CA ILE A 146 -11.02 -1.50 -21.96
C ILE A 146 -12.42 -1.14 -21.45
N VAL A 147 -12.49 -0.23 -20.49
CA VAL A 147 -13.77 0.22 -19.95
C VAL A 147 -14.57 0.96 -21.04
N ALA A 148 -13.86 1.63 -21.94
CA ALA A 148 -14.50 2.31 -23.07
C ALA A 148 -15.32 1.36 -23.96
N SER A 149 -14.99 0.08 -23.92
CA SER A 149 -15.62 -0.94 -24.76
C SER A 149 -17.13 -1.02 -24.56
N ASP A 150 -17.56 -0.85 -23.31
CA ASP A 150 -18.98 -0.83 -22.96
C ASP A 150 -19.13 -0.15 -21.59
N PRO A 151 -19.05 1.19 -21.57
CA PRO A 151 -19.01 2.01 -20.35
C PRO A 151 -20.05 1.69 -19.26
N SER A 152 -21.17 1.04 -19.59
CA SER A 152 -22.14 0.69 -18.55
C SER A 152 -22.07 -0.82 -18.22
N ARG A 153 -21.17 -1.53 -18.91
CA ARG A 153 -20.78 -2.88 -18.52
C ARG A 153 -19.70 -2.86 -17.45
N TYR A 154 -18.69 -2.02 -17.66
CA TYR A 154 -17.53 -1.98 -16.78
C TYR A 154 -17.54 -0.77 -15.86
N VAL A 155 -17.07 -0.96 -14.63
CA VAL A 155 -16.79 0.16 -13.74
C VAL A 155 -15.32 0.12 -13.36
N MET A 156 -14.61 1.21 -13.60
CA MET A 156 -13.23 1.31 -13.17
C MET A 156 -13.16 1.99 -11.81
N LEU A 157 -12.47 1.35 -10.87
CA LEU A 157 -12.39 1.86 -9.50
C LEU A 157 -11.22 2.83 -9.29
N LYS A 158 -10.21 2.75 -10.14
CA LYS A 158 -9.13 3.76 -10.17
C LYS A 158 -8.47 4.07 -8.81
N GLN A 159 -7.76 3.09 -8.26
CA GLN A 159 -7.13 3.23 -6.94
C GLN A 159 -6.18 4.44 -6.78
N PHE A 160 -5.57 4.89 -7.87
CA PHE A 160 -4.64 6.00 -7.77
C PHE A 160 -5.35 7.35 -7.53
N GLU A 161 -6.64 7.44 -7.83
CA GLU A 161 -7.34 8.72 -7.63
C GLU A 161 -8.67 8.61 -6.86
N ASN A 162 -9.16 7.39 -6.69
CA ASN A 162 -10.41 7.16 -5.97
C ASN A 162 -10.30 7.56 -4.49
N PRO A 163 -11.06 8.60 -4.05
CA PRO A 163 -10.96 9.02 -2.65
C PRO A 163 -11.36 7.94 -1.62
N ALA A 164 -12.08 6.90 -2.05
CA ALA A 164 -12.40 5.79 -1.12
C ALA A 164 -11.14 5.05 -0.63
N ASN A 165 -10.04 5.25 -1.35
CA ASN A 165 -8.73 4.69 -0.97
C ASN A 165 -8.20 5.36 0.31
N PRO A 166 -7.81 6.65 0.29
CA PRO A 166 -7.34 7.18 1.58
C PRO A 166 -8.41 7.20 2.68
N GLN A 167 -9.67 7.32 2.31
CA GLN A 167 -10.74 7.39 3.30
C GLN A 167 -10.79 6.16 4.23
N ILE A 168 -10.57 4.95 3.71
CA ILE A 168 -10.67 3.78 4.60
C ILE A 168 -9.48 3.79 5.56
N HIS A 169 -8.35 4.30 5.11
CA HIS A 169 -7.18 4.46 6.00
C HIS A 169 -7.41 5.52 7.06
N ARG A 170 -8.18 6.54 6.72
CA ARG A 170 -8.54 7.56 7.70
C ARG A 170 -9.49 6.97 8.74
N GLU A 171 -10.35 6.05 8.30
CA GLU A 171 -11.38 5.45 9.17
C GLU A 171 -10.94 4.24 9.99
N THR A 172 -9.97 3.49 9.46
CA THR A 172 -9.54 2.27 10.17
C THR A 172 -8.06 2.33 10.52
N THR A 173 -7.18 2.30 9.53
CA THR A 173 -5.74 2.16 9.79
C THR A 173 -5.19 3.21 10.76
N GLY A 174 -5.58 4.46 10.57
CA GLY A 174 -5.12 5.56 11.44
C GLY A 174 -5.62 5.46 12.87
N PRO A 175 -6.95 5.35 13.05
CA PRO A 175 -7.55 5.11 14.36
C PRO A 175 -6.98 3.90 15.08
N GLU A 176 -6.70 2.80 14.38
CA GLU A 176 -6.07 1.64 15.04
C GLU A 176 -4.70 2.03 15.61
N ILE A 177 -3.93 2.78 14.81
CA ILE A 177 -2.61 3.24 15.24
C ILE A 177 -2.75 4.12 16.48
N TRP A 178 -3.66 5.09 16.42
CA TRP A 178 -3.92 5.97 17.56
C TRP A 178 -4.31 5.17 18.81
N LYS A 179 -5.26 4.27 18.64
CA LYS A 179 -5.75 3.45 19.74
C LYS A 179 -4.66 2.56 20.36
N ASP A 180 -3.91 1.86 19.51
CA ASP A 180 -2.98 0.85 20.00
C ASP A 180 -1.73 1.49 20.61
N THR A 181 -1.43 2.74 20.25
CA THR A 181 -0.29 3.44 20.84
C THR A 181 -0.75 4.36 21.97
N ASP A 182 -2.04 4.33 22.26
CA ASP A 182 -2.65 5.16 23.29
C ASP A 182 -2.36 6.63 23.00
N GLY A 183 -2.35 6.98 21.72
CA GLY A 183 -2.11 8.34 21.30
C GLY A 183 -0.66 8.79 21.40
N LYS A 184 0.26 7.85 21.57
CA LYS A 184 1.65 8.25 21.79
C LYS A 184 2.48 8.26 20.50
N VAL A 185 1.88 7.79 19.40
CA VAL A 185 2.58 7.76 18.13
C VAL A 185 3.11 9.15 17.80
N ASP A 186 4.39 9.27 17.44
CA ASP A 186 4.96 10.57 17.09
C ASP A 186 5.31 10.67 15.61
N VAL A 187 5.51 9.52 14.97
CA VAL A 187 5.98 9.43 13.59
C VAL A 187 5.30 8.27 12.88
N VAL A 188 4.85 8.49 11.65
CA VAL A 188 4.33 7.41 10.82
C VAL A 188 5.19 7.35 9.55
N VAL A 189 5.74 6.18 9.29
CA VAL A 189 6.57 5.93 8.10
C VAL A 189 5.83 4.94 7.19
N ALA A 190 5.68 5.31 5.92
CA ALA A 190 4.95 4.46 4.97
C ALA A 190 5.43 4.69 3.55
N GLY A 191 5.74 3.60 2.86
CA GLY A 191 6.06 3.67 1.44
C GLY A 191 4.86 4.20 0.67
N VAL A 192 5.12 4.86 -0.46
CA VAL A 192 4.06 5.42 -1.26
C VAL A 192 3.93 4.71 -2.60
N GLY A 193 2.73 4.19 -2.84
CA GLY A 193 2.37 3.61 -4.12
C GLY A 193 1.27 4.46 -4.73
N THR A 194 0.05 4.26 -4.25
CA THR A 194 -1.05 5.19 -4.52
C THR A 194 -0.97 6.41 -3.60
N GLY A 195 -0.35 6.27 -2.43
CA GLY A 195 -0.32 7.34 -1.45
C GLY A 195 -1.49 7.28 -0.46
N GLY A 196 -2.43 6.36 -0.68
CA GLY A 196 -3.62 6.25 0.16
C GLY A 196 -3.33 6.01 1.64
N SER A 197 -2.39 5.11 1.92
CA SER A 197 -2.04 4.78 3.30
C SER A 197 -1.51 5.98 4.08
N ILE A 198 -0.45 6.63 3.61
CA ILE A 198 0.12 7.71 4.41
CA ILE A 198 0.13 7.72 4.39
C ILE A 198 -0.86 8.89 4.45
N THR A 199 -1.63 9.08 3.38
CA THR A 199 -2.60 10.16 3.33
C THR A 199 -3.71 9.99 4.37
N GLY A 200 -4.41 8.86 4.32
CA GLY A 200 -5.51 8.60 5.24
C GLY A 200 -5.04 8.57 6.69
N ILE A 201 -3.93 7.86 6.94
CA ILE A 201 -3.42 7.75 8.31
C ILE A 201 -3.08 9.13 8.87
N SER A 202 -2.37 9.93 8.08
CA SER A 202 -1.97 11.27 8.50
C SER A 202 -3.16 12.17 8.72
N ARG A 203 -4.17 12.04 7.88
CA ARG A 203 -5.38 12.84 8.06
C ARG A 203 -6.07 12.45 9.37
N ALA A 204 -6.19 11.16 9.63
CA ALA A 204 -6.80 10.70 10.89
C ALA A 204 -6.07 11.28 12.13
N ILE A 205 -4.76 11.07 12.20
CA ILE A 205 -4.04 11.41 13.42
C ILE A 205 -3.87 12.91 13.60
N LYS A 206 -3.53 13.62 12.51
CA LYS A 206 -3.31 15.05 12.55
C LYS A 206 -4.62 15.84 12.65
N LEU A 207 -5.64 15.42 11.91
CA LEU A 207 -6.85 16.25 11.80
C LEU A 207 -7.97 15.74 12.70
N ASP A 208 -8.18 14.43 12.73
CA ASP A 208 -9.28 13.89 13.54
C ASP A 208 -8.90 13.78 15.01
N PHE A 209 -7.68 13.36 15.31
CA PHE A 209 -7.24 13.22 16.69
C PHE A 209 -6.41 14.42 17.15
N GLY A 210 -5.94 15.22 16.19
CA GLY A 210 -5.32 16.49 16.51
C GLY A 210 -3.86 16.52 16.94
N LYS A 211 -3.11 15.44 16.70
CA LYS A 211 -1.73 15.40 17.14
C LYS A 211 -0.76 15.69 15.99
N GLN A 212 0.20 16.59 16.22
CA GLN A 212 1.13 17.03 15.18
C GLN A 212 2.30 16.04 15.06
N ILE A 213 2.06 14.91 14.40
CA ILE A 213 3.10 13.92 14.17
C ILE A 213 3.96 14.27 12.96
N THR A 214 4.99 13.47 12.72
CA THR A 214 5.79 13.59 11.50
C THR A 214 5.36 12.51 10.53
N SER A 215 4.77 12.89 9.40
CA SER A 215 4.39 11.91 8.39
C SER A 215 5.53 11.78 7.38
N VAL A 216 6.01 10.56 7.20
CA VAL A 216 7.22 10.30 6.41
C VAL A 216 6.84 9.39 5.24
N ALA A 217 6.97 9.91 4.02
CA ALA A 217 6.78 9.10 2.82
C ALA A 217 8.08 8.43 2.45
N VAL A 218 7.99 7.21 1.94
CA VAL A 218 9.19 6.48 1.50
C VAL A 218 9.07 6.13 0.03
N GLU A 219 10.11 6.43 -0.74
CA GLU A 219 10.13 6.09 -2.16
C GLU A 219 11.50 5.50 -2.50
N PRO A 220 11.58 4.78 -3.64
CA PRO A 220 12.89 4.24 -4.01
C PRO A 220 13.84 5.37 -4.42
N VAL A 221 15.12 5.23 -4.06
CA VAL A 221 16.11 6.23 -4.45
C VAL A 221 16.25 6.20 -5.97
N GLU A 222 15.97 5.04 -6.58
CA GLU A 222 16.00 4.87 -8.03
C GLU A 222 14.90 5.65 -8.79
N SER A 223 13.85 6.05 -8.08
CA SER A 223 12.72 6.70 -8.71
C SER A 223 12.11 7.68 -7.72
N PRO A 224 12.89 8.68 -7.30
CA PRO A 224 12.52 9.56 -6.19
C PRO A 224 11.70 10.75 -6.67
N VAL A 225 10.59 10.50 -7.35
CA VAL A 225 9.85 11.58 -8.02
C VAL A 225 9.16 12.52 -7.02
N ILE A 226 8.86 12.03 -5.82
CA ILE A 226 8.31 12.92 -4.78
C ILE A 226 9.41 13.88 -4.30
N SER A 227 10.59 13.35 -4.00
CA SER A 227 11.71 14.18 -3.56
C SER A 227 12.08 15.24 -4.59
N GLN A 228 12.14 14.81 -5.84
CA GLN A 228 12.51 15.69 -6.95
C GLN A 228 11.47 16.79 -7.13
N THR A 229 10.20 16.40 -7.10
CA THR A 229 9.11 17.36 -7.24
C THR A 229 9.19 18.44 -6.18
N LEU A 230 9.19 18.04 -4.91
CA LEU A 230 9.22 19.00 -3.81
C LEU A 230 10.47 19.89 -3.80
N ALA A 231 11.58 19.36 -4.30
CA ALA A 231 12.82 20.14 -4.43
C ALA A 231 12.84 21.00 -5.70
N GLY A 232 11.79 20.87 -6.51
CA GLY A 232 11.69 21.57 -7.77
C GLY A 232 12.77 21.19 -8.76
N GLU A 233 13.17 19.92 -8.75
CA GLU A 233 14.17 19.42 -9.68
C GLU A 233 13.54 18.66 -10.83
N GLU A 234 14.36 18.24 -11.79
CA GLU A 234 13.92 17.42 -12.90
C GLU A 234 13.35 16.10 -12.38
N VAL A 235 12.08 15.83 -12.68
CA VAL A 235 11.45 14.58 -12.27
C VAL A 235 11.90 13.47 -13.20
N LYS A 236 12.66 12.53 -12.66
CA LYS A 236 13.19 11.45 -13.49
C LYS A 236 12.90 10.09 -12.84
N PRO A 237 11.77 9.49 -13.22
CA PRO A 237 11.45 8.17 -12.70
C PRO A 237 12.44 7.13 -13.21
N GLY A 238 12.58 6.03 -12.48
CA GLY A 238 13.45 4.94 -12.90
C GLY A 238 12.98 3.59 -12.38
N PRO A 239 13.52 2.50 -12.96
CA PRO A 239 13.18 1.14 -12.56
C PRO A 239 13.79 0.78 -11.20
N HIS A 240 13.13 -0.11 -10.47
CA HIS A 240 13.56 -0.51 -9.13
C HIS A 240 12.88 -1.84 -8.76
N LYS A 241 13.34 -2.46 -7.67
CA LYS A 241 12.84 -3.78 -7.27
C LYS A 241 11.86 -3.75 -6.09
N ILE A 242 11.50 -2.54 -5.63
CA ILE A 242 10.68 -2.41 -4.42
C ILE A 242 9.19 -2.48 -4.78
N GLN A 243 8.69 -3.70 -5.00
CA GLN A 243 7.34 -3.92 -5.51
C GLN A 243 6.26 -3.26 -4.65
N GLY A 244 5.41 -2.48 -5.30
CA GLY A 244 4.31 -1.82 -4.60
C GLY A 244 4.47 -0.33 -4.37
N ILE A 245 5.71 0.17 -4.36
CA ILE A 245 5.92 1.62 -4.27
C ILE A 245 6.65 2.12 -5.51
N GLY A 246 6.85 3.44 -5.59
CA GLY A 246 7.63 4.03 -6.66
C GLY A 246 6.94 3.93 -8.00
N ALA A 247 5.73 4.47 -8.08
CA ALA A 247 4.94 4.44 -9.31
C ALA A 247 5.55 5.27 -10.43
N GLY A 248 6.52 6.11 -10.11
CA GLY A 248 7.16 6.92 -11.14
C GLY A 248 6.40 8.20 -11.51
N PHE A 249 5.38 8.52 -10.74
CA PHE A 249 4.68 9.79 -10.87
C PHE A 249 4.09 10.12 -9.52
N ILE A 250 3.55 11.33 -9.38
CA ILE A 250 2.85 11.71 -8.17
C ILE A 250 1.37 11.34 -8.28
N PRO A 251 0.92 10.35 -7.49
CA PRO A 251 -0.49 9.94 -7.61
C PRO A 251 -1.46 10.94 -6.98
N LYS A 252 -2.68 11.02 -7.50
CA LYS A 252 -3.67 11.93 -6.92
C LYS A 252 -3.95 11.60 -5.44
N ASN A 253 -3.90 10.32 -5.08
CA ASN A 253 -4.18 9.94 -3.69
C ASN A 253 -3.01 10.13 -2.72
N LEU A 254 -1.95 10.80 -3.18
CA LEU A 254 -0.91 11.29 -2.26
C LEU A 254 -1.12 12.77 -1.96
N ASP A 255 -1.56 13.07 -0.75
CA ASP A 255 -1.78 14.44 -0.32
C ASP A 255 -0.41 15.03 0.08
N LEU A 256 0.27 15.68 -0.86
CA LEU A 256 1.60 16.22 -0.55
C LEU A 256 1.56 17.16 0.66
N SER A 257 0.45 17.86 0.87
CA SER A 257 0.37 18.88 1.90
C SER A 257 0.51 18.33 3.31
N ILE A 258 0.29 17.03 3.45
CA ILE A 258 0.29 16.44 4.79
C ILE A 258 1.57 15.63 5.03
N ILE A 259 2.46 15.63 4.04
CA ILE A 259 3.76 14.95 4.16
C ILE A 259 4.83 15.89 4.72
N ASP A 260 5.45 15.50 5.84
CA ASP A 260 6.47 16.33 6.49
C ASP A 260 7.88 16.02 6.01
N ARG A 261 8.06 14.80 5.52
CA ARG A 261 9.40 14.34 5.23
C ARG A 261 9.35 13.25 4.18
N VAL A 262 10.34 13.21 3.29
CA VAL A 262 10.41 12.12 2.32
C VAL A 262 11.76 11.44 2.50
N GLU A 263 11.75 10.11 2.64
CA GLU A 263 12.99 9.34 2.77
C GLU A 263 13.15 8.42 1.57
N THR A 264 14.33 8.41 0.97
CA THR A 264 14.59 7.49 -0.12
C THR A 264 15.37 6.27 0.36
N VAL A 265 15.07 5.14 -0.26
CA VAL A 265 15.72 3.88 0.06
C VAL A 265 16.04 3.11 -1.22
N ASP A 266 17.21 2.49 -1.26
CA ASP A 266 17.60 1.72 -2.44
C ASP A 266 17.09 0.28 -2.36
N SER A 267 17.00 -0.36 -3.52
CA SER A 267 16.41 -1.70 -3.63
C SER A 267 17.18 -2.75 -2.85
N ASP A 268 18.50 -2.70 -2.94
CA ASP A 268 19.37 -3.63 -2.21
C ASP A 268 19.13 -3.57 -0.70
N THR A 269 19.17 -2.36 -0.16
CA THR A 269 18.94 -2.18 1.26
C THR A 269 17.52 -2.59 1.65
N ALA A 270 16.54 -2.33 0.79
CA ALA A 270 15.17 -2.74 1.06
C ALA A 270 15.09 -4.26 1.21
N LEU A 271 15.71 -4.97 0.26
CA LEU A 271 15.72 -6.43 0.26
C LEU A 271 16.46 -6.99 1.48
N ALA A 272 17.65 -6.46 1.76
CA ALA A 272 18.41 -6.89 2.93
C ALA A 272 17.63 -6.67 4.21
N THR A 273 16.90 -5.56 4.30
CA THR A 273 16.16 -5.26 5.52
C THR A 273 14.99 -6.21 5.71
N ALA A 274 14.31 -6.54 4.61
CA ALA A 274 13.23 -7.52 4.66
C ALA A 274 13.78 -8.88 5.14
N ARG A 275 14.93 -9.27 4.60
CA ARG A 275 15.56 -10.51 5.02
C ARG A 275 15.92 -10.46 6.50
N ARG A 276 16.37 -9.31 6.99
CA ARG A 276 16.69 -9.16 8.40
C ARG A 276 15.43 -9.27 9.28
N LEU A 277 14.35 -8.60 8.87
CA LEU A 277 13.07 -8.71 9.55
C LEU A 277 12.68 -10.19 9.75
N MET A 278 12.87 -10.99 8.71
CA MET A 278 12.59 -12.42 8.79
C MET A 278 13.53 -13.12 9.77
N ALA A 279 14.83 -12.99 9.51
CA ALA A 279 15.85 -13.75 10.21
C ALA A 279 16.11 -13.28 11.63
N GLU A 280 15.94 -11.98 11.88
CA GLU A 280 16.28 -11.43 13.18
C GLU A 280 15.06 -11.12 14.05
N GLU A 281 13.93 -10.77 13.43
CA GLU A 281 12.73 -10.44 14.21
C GLU A 281 11.64 -11.52 14.10
N GLY A 282 11.77 -12.44 13.16
CA GLY A 282 10.75 -13.44 12.95
C GLY A 282 9.48 -12.83 12.36
N ILE A 283 9.67 -11.78 11.57
CA ILE A 283 8.55 -11.09 10.93
C ILE A 283 8.62 -11.33 9.43
N LEU A 284 7.56 -11.94 8.89
CA LEU A 284 7.56 -12.31 7.47
C LEU A 284 7.06 -11.15 6.60
N ALA A 285 7.98 -10.25 6.27
CA ALA A 285 7.64 -9.00 5.58
C ALA A 285 8.01 -9.02 4.10
N GLY A 286 7.30 -8.22 3.31
CA GLY A 286 7.59 -8.09 1.89
C GLY A 286 8.68 -7.05 1.63
N ILE A 287 9.03 -6.88 0.36
CA ILE A 287 10.14 -6.03 0.00
C ILE A 287 9.91 -4.58 0.41
N SER A 288 8.72 -4.04 0.16
CA SER A 288 8.42 -2.66 0.51
C SER A 288 8.39 -2.48 2.03
N SER A 289 8.13 -3.55 2.76
CA SER A 289 8.21 -3.50 4.23
C SER A 289 9.67 -3.27 4.69
N GLY A 290 10.61 -3.94 4.04
CA GLY A 290 12.03 -3.68 4.26
C GLY A 290 12.42 -2.24 3.95
N ALA A 291 11.87 -1.66 2.88
CA ALA A 291 12.20 -0.26 2.56
C ALA A 291 11.68 0.69 3.65
N ALA A 292 10.45 0.45 4.09
CA ALA A 292 9.84 1.30 5.12
C ALA A 292 10.61 1.21 6.43
N VAL A 293 11.00 0.00 6.82
CA VAL A 293 11.75 -0.16 8.06
C VAL A 293 13.15 0.46 7.95
N ALA A 294 13.79 0.35 6.79
CA ALA A 294 15.11 0.92 6.62
C ALA A 294 15.02 2.44 6.79
N ALA A 295 14.02 3.04 6.16
CA ALA A 295 13.78 4.46 6.32
C ALA A 295 13.50 4.82 7.79
N ALA A 296 12.71 3.99 8.46
CA ALA A 296 12.35 4.26 9.85
C ALA A 296 13.56 4.15 10.76
N ASP A 297 14.41 3.18 10.48
CA ASP A 297 15.61 2.95 11.28
C ASP A 297 16.56 4.16 11.19
N ARG A 298 16.64 4.78 10.03
CA ARG A 298 17.50 5.94 9.88
C ARG A 298 17.00 7.10 10.74
N LEU A 299 15.70 7.36 10.70
CA LEU A 299 15.12 8.40 11.54
C LEU A 299 15.29 8.07 13.02
N ALA A 300 15.02 6.80 13.36
CA ALA A 300 15.08 6.35 14.75
C ALA A 300 16.43 6.54 15.42
N LYS A 301 17.49 6.65 14.61
CA LYS A 301 18.84 6.74 15.15
C LYS A 301 19.37 8.16 15.04
N LEU A 302 18.48 9.10 14.74
CA LEU A 302 18.75 10.51 14.91
C LEU A 302 18.31 10.89 16.32
N PRO A 303 19.20 11.54 17.09
CA PRO A 303 18.83 11.97 18.45
C PRO A 303 17.49 12.72 18.47
N GLU A 304 17.22 13.45 17.39
CA GLU A 304 15.97 14.18 17.25
C GLU A 304 14.72 13.27 17.28
N PHE A 305 14.88 12.00 16.92
CA PHE A 305 13.76 11.06 16.99
C PHE A 305 14.03 9.95 17.99
N ALA A 306 15.14 10.05 18.70
CA ALA A 306 15.64 8.93 19.48
C ALA A 306 14.66 8.55 20.59
N ASP A 307 13.84 9.51 21.04
CA ASP A 307 12.78 9.12 21.96
C ASP A 307 11.37 9.47 21.46
N LYS A 308 11.14 9.40 20.16
CA LYS A 308 9.79 9.52 19.62
C LYS A 308 9.31 8.10 19.29
N LEU A 309 8.00 7.88 19.33
CA LEU A 309 7.47 6.57 18.95
C LEU A 309 7.20 6.54 17.45
N ILE A 310 7.91 5.68 16.75
CA ILE A 310 7.85 5.61 15.30
C ILE A 310 7.05 4.38 14.86
N VAL A 311 5.95 4.61 14.14
CA VAL A 311 5.14 3.49 13.65
C VAL A 311 5.32 3.32 12.15
N VAL A 312 5.66 2.10 11.75
CA VAL A 312 6.00 1.79 10.38
C VAL A 312 4.99 0.82 9.78
N ILE A 313 4.42 1.19 8.65
CA ILE A 313 3.51 0.32 7.92
C ILE A 313 4.30 -0.74 7.19
N LEU A 314 3.99 -2.01 7.45
CA LEU A 314 4.50 -3.15 6.68
C LEU A 314 3.36 -3.65 5.78
N PRO A 315 3.39 -3.25 4.49
CA PRO A 315 2.26 -3.44 3.57
C PRO A 315 1.88 -4.89 3.28
N SER A 316 2.85 -5.78 3.21
CA SER A 316 2.58 -7.16 2.76
C SER A 316 3.48 -8.21 3.41
N ALA A 317 3.21 -9.48 3.10
CA ALA A 317 3.90 -10.62 3.70
C ALA A 317 4.87 -11.32 2.74
N SER A 318 5.81 -12.07 3.33
CA SER A 318 6.88 -12.76 2.60
C SER A 318 6.48 -13.70 1.44
N GLU A 319 5.58 -14.64 1.72
CA GLU A 319 5.25 -15.69 0.75
C GLU A 319 4.72 -15.16 -0.60
N ARG A 320 4.35 -13.88 -0.63
CA ARG A 320 3.92 -13.26 -1.88
C ARG A 320 5.13 -12.87 -2.74
N TYR A 321 6.33 -13.19 -2.24
CA TYR A 321 7.55 -12.74 -2.92
C TYR A 321 8.59 -13.85 -3.04
N LEU A 322 8.16 -15.10 -2.89
CA LEU A 322 9.06 -16.24 -3.03
C LEU A 322 9.71 -16.28 -4.44
N SER A 323 9.03 -15.70 -5.43
CA SER A 323 9.52 -15.66 -6.82
C SER A 323 10.54 -14.55 -7.08
N THR A 324 10.78 -13.72 -6.09
CA THR A 324 11.54 -12.49 -6.31
C THR A 324 12.93 -12.57 -5.72
N ALA A 325 13.63 -11.45 -5.74
CA ALA A 325 14.98 -11.36 -5.20
C ALA A 325 14.99 -11.57 -3.68
N LEU A 326 13.83 -11.39 -3.04
CA LEU A 326 13.71 -11.53 -1.59
C LEU A 326 14.25 -12.87 -1.13
N PHE A 327 13.83 -13.91 -1.83
CA PHE A 327 14.33 -15.26 -1.58
C PHE A 327 15.39 -15.65 -2.60
N PHE B 4 10.53 -2.01 -11.51
CA PHE B 4 9.13 -1.61 -11.51
C PHE B 4 9.01 -0.13 -11.81
N GLU B 5 8.03 0.24 -12.62
CA GLU B 5 7.80 1.64 -12.91
C GLU B 5 6.30 1.94 -12.81
N TYR B 6 5.75 2.55 -13.86
CA TYR B 6 4.52 3.34 -13.76
C TYR B 6 3.21 2.57 -13.63
N GLY B 7 2.87 2.27 -12.38
CA GLY B 7 1.69 1.50 -12.05
C GLY B 7 2.04 0.32 -11.18
#